data_4PCW
#
_entry.id   4PCW
#
_cell.length_a   40.492
_cell.length_b   85.285
_cell.length_c   96.901
_cell.angle_alpha   90.00
_cell.angle_beta   90.00
_cell.angle_gamma   90.00
#
_symmetry.space_group_name_H-M   'P 21 21 21'
#
loop_
_entity.id
_entity.type
_entity.pdbx_description
1 polymer Filaggrin
2 non-polymer 'CALCIUM ION'
3 non-polymer 'NONAETHYLENE GLYCOL'
4 water water
#
_entity_poly.entity_id   1
_entity_poly.type   'polypeptide(L)'
_entity_poly.pdbx_seq_one_letter_code
;GSMSTLLENIFAIINLFKQYSKKDKNTDTLSKKELKELLEKEFRQILKNPDDPDMVDVFMDHLDIDHNKKIDFTEFLLMV
FKLAQAYYESTRKE
;
_entity_poly.pdbx_strand_id   A,B,C,D
#
# COMPACT_ATOMS: atom_id res chain seq x y z
N SER A 4 -11.25 -21.22 2.30
CA SER A 4 -10.55 -22.37 2.94
C SER A 4 -9.07 -22.38 2.57
N THR A 5 -8.78 -22.51 1.28
CA THR A 5 -7.42 -22.40 0.78
C THR A 5 -7.16 -20.97 0.33
N LEU A 6 -5.88 -20.60 0.21
CA LEU A 6 -5.50 -19.26 -0.23
C LEU A 6 -5.99 -19.00 -1.64
N LEU A 7 -5.90 -20.01 -2.51
CA LEU A 7 -6.32 -19.86 -3.89
C LEU A 7 -7.82 -19.62 -4.02
N GLU A 8 -8.61 -20.34 -3.23
CA GLU A 8 -10.06 -20.17 -3.24
C GLU A 8 -10.45 -18.74 -2.88
N ASN A 9 -9.74 -18.16 -1.92
CA ASN A 9 -10.00 -16.80 -1.50
C ASN A 9 -9.66 -15.82 -2.62
N ILE A 10 -8.57 -16.06 -3.31
CA ILE A 10 -8.14 -15.19 -4.41
C ILE A 10 -9.12 -15.23 -5.57
N PHE A 11 -9.58 -16.43 -5.94
CA PHE A 11 -10.57 -16.54 -6.99
C PHE A 11 -11.88 -15.88 -6.58
N ALA A 12 -12.21 -15.98 -5.30
CA ALA A 12 -13.44 -15.36 -4.79
C ALA A 12 -13.36 -13.85 -4.91
N ILE A 13 -12.19 -13.30 -4.63
CA ILE A 13 -11.97 -11.86 -4.76
C ILE A 13 -12.10 -11.45 -6.23
N ILE A 14 -11.50 -12.23 -7.11
CA ILE A 14 -11.58 -11.98 -8.54
C ILE A 14 -13.04 -12.00 -9.03
N ASN A 15 -13.77 -13.06 -8.69
CA ASN A 15 -15.15 -13.22 -9.11
C ASN A 15 -16.06 -12.15 -8.51
N LEU A 16 -15.72 -11.72 -7.30
CA LEU A 16 -16.46 -10.65 -6.64
C LEU A 16 -16.34 -9.36 -7.44
N PHE A 17 -15.13 -9.04 -7.85
CA PHE A 17 -14.85 -7.83 -8.62
C PHE A 17 -15.56 -7.85 -9.96
N LYS A 18 -15.47 -8.99 -10.64
CA LYS A 18 -16.04 -9.11 -11.97
C LYS A 18 -17.57 -9.07 -11.94
N GLN A 19 -18.15 -9.44 -10.81
CA GLN A 19 -19.60 -9.42 -10.66
C GLN A 19 -20.15 -7.99 -10.82
N TYR A 20 -19.36 -7.01 -10.39
CA TYR A 20 -19.81 -5.63 -10.40
C TYR A 20 -19.20 -4.84 -11.56
N SER A 21 -18.02 -5.26 -12.01
CA SER A 21 -17.33 -4.55 -13.08
C SER A 21 -17.93 -4.85 -14.44
N LYS A 22 -18.36 -6.10 -14.63
CA LYS A 22 -18.89 -6.54 -15.91
C LYS A 22 -20.37 -6.19 -16.07
N LYS A 23 -20.84 -5.27 -15.23
CA LYS A 23 -22.23 -4.80 -15.29
C LYS A 23 -22.46 -3.90 -16.49
N ASP A 24 -21.39 -3.37 -17.06
CA ASP A 24 -21.49 -2.38 -18.14
C ASP A 24 -20.59 -2.73 -19.32
N LYS A 25 -20.33 -1.73 -20.16
CA LYS A 25 -19.44 -1.87 -21.30
C LYS A 25 -18.00 -2.05 -20.85
N ASN A 26 -17.59 -1.28 -19.85
CA ASN A 26 -16.25 -1.34 -19.30
C ASN A 26 -16.12 -2.50 -18.31
N THR A 27 -15.81 -3.68 -18.83
CA THR A 27 -15.89 -4.91 -18.05
C THR A 27 -14.67 -5.19 -17.18
N ASP A 28 -13.54 -4.56 -17.47
CA ASP A 28 -12.31 -4.77 -16.70
C ASP A 28 -12.08 -3.66 -15.68
N THR A 29 -13.10 -2.84 -15.44
CA THR A 29 -13.02 -1.76 -14.46
C THR A 29 -14.37 -1.51 -13.82
N LEU A 30 -14.35 -0.90 -12.64
CA LEU A 30 -15.57 -0.48 -11.96
C LEU A 30 -15.85 0.99 -12.23
N SER A 31 -17.06 1.29 -12.67
CA SER A 31 -17.50 2.67 -12.81
C SER A 31 -17.93 3.17 -11.43
N LYS A 32 -18.32 4.44 -11.36
CA LYS A 32 -18.73 5.03 -10.09
C LYS A 32 -19.93 4.30 -9.51
N LYS A 33 -20.93 4.04 -10.35
CA LYS A 33 -22.15 3.38 -9.91
C LYS A 33 -21.90 1.94 -9.51
N GLU A 34 -21.01 1.27 -10.24
CA GLU A 34 -20.68 -0.12 -9.97
C GLU A 34 -19.94 -0.26 -8.65
N LEU A 35 -19.03 0.67 -8.38
CA LEU A 35 -18.32 0.70 -7.11
C LEU A 35 -19.32 0.90 -5.98
N LYS A 36 -20.22 1.88 -6.16
CA LYS A 36 -21.26 2.15 -5.17
C LYS A 36 -22.08 0.91 -4.88
N GLU A 37 -22.47 0.19 -5.94
CA GLU A 37 -23.14 -1.09 -5.81
C GLU A 37 -22.31 -2.04 -4.93
N LEU A 38 -21.03 -2.16 -5.28
CA LEU A 38 -20.12 -3.04 -4.56
C LEU A 38 -19.96 -2.60 -3.11
N LEU A 39 -19.77 -1.30 -2.90
CA LEU A 39 -19.61 -0.73 -1.56
C LEU A 39 -20.87 -0.93 -0.71
N GLU A 40 -22.00 -1.19 -1.35
CA GLU A 40 -23.27 -1.31 -0.65
C GLU A 40 -23.62 -2.74 -0.25
N LYS A 41 -22.91 -3.71 -0.83
CA LYS A 41 -23.25 -5.12 -0.63
C LYS A 41 -22.13 -5.91 0.04
N GLU A 42 -20.99 -6.00 -0.64
CA GLU A 42 -19.92 -6.92 -0.22
C GLU A 42 -19.22 -6.48 1.06
N PHE A 43 -19.19 -5.17 1.31
CA PHE A 43 -18.70 -4.63 2.58
C PHE A 43 -19.36 -3.28 2.81
N ARG A 44 -20.19 -3.21 3.86
CA ARG A 44 -21.15 -2.13 3.99
C ARG A 44 -20.79 -1.15 5.11
N GLN A 45 -21.65 -1.02 6.13
CA GLN A 45 -21.37 -0.16 7.29
C GLN A 45 -20.10 -0.63 7.99
N ILE A 46 -19.65 -1.81 7.61
CA ILE A 46 -18.31 -2.29 7.94
C ILE A 46 -17.26 -1.22 7.66
N LEU A 47 -17.26 -0.71 6.43
CA LEU A 47 -16.18 0.16 5.95
C LEU A 47 -16.57 1.63 5.86
N LYS A 48 -17.28 1.99 4.79
CA LYS A 48 -17.52 3.38 4.45
C LYS A 48 -18.44 4.07 5.44
N ASN A 49 -19.07 3.29 6.32
CA ASN A 49 -20.14 3.79 7.17
C ASN A 49 -21.14 4.51 6.27
N PRO A 50 -21.67 3.80 5.27
CA PRO A 50 -22.34 4.45 4.15
C PRO A 50 -23.51 5.37 4.51
N ASP A 51 -23.23 6.66 4.47
CA ASP A 51 -24.23 7.62 4.05
C ASP A 51 -24.21 7.47 2.52
N ASP A 52 -24.58 6.28 2.07
CA ASP A 52 -24.24 5.80 0.73
C ASP A 52 -24.59 6.78 -0.41
N PRO A 53 -25.68 7.54 -0.29
CA PRO A 53 -25.84 8.52 -1.37
C PRO A 53 -24.79 9.63 -1.37
N ASP A 54 -24.10 9.81 -0.26
CA ASP A 54 -23.21 10.97 -0.08
C ASP A 54 -21.75 10.71 -0.43
N MET A 55 -21.12 9.75 0.25
CA MET A 55 -19.67 9.63 0.26
C MET A 55 -19.11 8.57 -0.71
N VAL A 56 -19.75 8.38 -1.85
CA VAL A 56 -19.19 7.51 -2.89
C VAL A 56 -18.02 8.20 -3.59
N ASP A 57 -18.16 9.50 -3.79
CA ASP A 57 -17.19 10.29 -4.55
C ASP A 57 -15.80 10.28 -3.93
N VAL A 58 -15.74 10.48 -2.61
CA VAL A 58 -14.46 10.52 -1.92
C VAL A 58 -13.71 9.20 -2.07
N PHE A 59 -14.46 8.10 -2.06
CA PHE A 59 -13.86 6.78 -2.13
C PHE A 59 -13.38 6.48 -3.55
N MET A 60 -14.13 6.94 -4.54
CA MET A 60 -13.74 6.81 -5.93
C MET A 60 -12.37 7.47 -6.17
N ASP A 61 -12.16 8.63 -5.54
CA ASP A 61 -10.91 9.38 -5.72
C ASP A 61 -9.75 8.74 -4.96
N HIS A 62 -10.05 8.07 -3.84
CA HIS A 62 -9.04 7.36 -3.08
C HIS A 62 -8.44 6.23 -3.92
N LEU A 63 -9.30 5.46 -4.56
CA LEU A 63 -8.88 4.27 -5.31
C LEU A 63 -8.36 4.61 -6.70
N ASP A 64 -8.94 5.64 -7.31
CA ASP A 64 -8.61 6.00 -8.69
C ASP A 64 -7.30 6.78 -8.76
N ILE A 65 -6.18 6.08 -8.66
CA ILE A 65 -4.87 6.72 -8.50
C ILE A 65 -4.20 7.09 -9.83
N ASP A 66 -4.80 6.69 -10.95
CA ASP A 66 -4.36 7.16 -12.27
C ASP A 66 -5.34 8.20 -12.83
N HIS A 67 -6.44 8.39 -12.13
CA HIS A 67 -7.41 9.45 -12.45
C HIS A 67 -8.02 9.29 -13.85
N ASN A 68 -8.66 8.15 -14.10
CA ASN A 68 -9.38 7.93 -15.36
C ASN A 68 -10.85 7.60 -15.12
N LYS A 69 -11.35 7.94 -13.93
CA LYS A 69 -12.76 7.75 -13.56
C LYS A 69 -13.21 6.28 -13.59
N LYS A 70 -12.26 5.35 -13.52
CA LYS A 70 -12.57 3.94 -13.48
C LYS A 70 -11.63 3.22 -12.51
N ILE A 71 -12.11 2.15 -11.89
CA ILE A 71 -11.30 1.40 -10.93
C ILE A 71 -10.96 0.03 -11.48
N ASP A 72 -9.73 -0.12 -11.97
CA ASP A 72 -9.30 -1.41 -12.48
C ASP A 72 -9.01 -2.35 -11.32
N PHE A 73 -8.67 -3.60 -11.63
CA PHE A 73 -8.51 -4.63 -10.62
C PHE A 73 -7.35 -4.30 -9.68
N THR A 74 -6.26 -3.79 -10.25
CA THR A 74 -5.08 -3.44 -9.45
C THR A 74 -5.44 -2.42 -8.38
N GLU A 75 -6.11 -1.34 -8.78
CA GLU A 75 -6.54 -0.30 -7.85
C GLU A 75 -7.49 -0.87 -6.80
N PHE A 76 -8.33 -1.81 -7.23
CA PHE A 76 -9.23 -2.50 -6.32
C PHE A 76 -8.44 -3.31 -5.30
N LEU A 77 -7.46 -4.08 -5.79
CA LEU A 77 -6.63 -4.91 -4.93
C LEU A 77 -5.90 -4.11 -3.86
N LEU A 78 -5.35 -2.95 -4.25
CA LEU A 78 -4.62 -2.12 -3.30
C LEU A 78 -5.48 -1.80 -2.08
N MET A 79 -6.76 -1.58 -2.32
CA MET A 79 -7.70 -1.29 -1.23
C MET A 79 -7.99 -2.55 -0.43
N VAL A 80 -8.17 -3.67 -1.12
CA VAL A 80 -8.43 -4.94 -0.45
C VAL A 80 -7.31 -5.28 0.53
N PHE A 81 -6.07 -5.12 0.09
CA PHE A 81 -4.94 -5.51 0.91
C PHE A 81 -4.60 -4.46 1.96
N LYS A 82 -5.13 -3.25 1.79
CA LYS A 82 -5.03 -2.23 2.84
C LYS A 82 -5.97 -2.58 4.00
N LEU A 83 -7.16 -3.07 3.66
CA LEU A 83 -8.11 -3.52 4.67
C LEU A 83 -7.54 -4.72 5.40
N ALA A 84 -7.02 -5.67 4.64
CA ALA A 84 -6.40 -6.86 5.20
C ALA A 84 -5.31 -6.44 6.17
N GLN A 85 -4.44 -5.55 5.68
CA GLN A 85 -3.33 -5.05 6.47
C GLN A 85 -3.82 -4.34 7.72
N ALA A 86 -4.98 -3.69 7.61
CA ALA A 86 -5.56 -2.94 8.71
C ALA A 86 -6.29 -3.83 9.70
N TYR A 87 -7.04 -4.80 9.20
CA TYR A 87 -7.77 -5.73 10.05
C TYR A 87 -6.83 -6.64 10.84
N TYR A 88 -5.63 -6.85 10.29
CA TYR A 88 -4.67 -7.79 10.86
C TYR A 88 -4.42 -7.56 12.36
N GLU A 89 -4.69 -6.34 12.82
CA GLU A 89 -4.61 -6.01 14.24
C GLU A 89 -5.47 -6.95 15.08
N SER A 90 -4.89 -8.10 15.45
CA SER A 90 -5.59 -9.10 16.26
C SER A 90 -6.93 -9.47 15.65
N SER B 4 -19.61 -16.51 -0.29
CA SER B 4 -18.79 -15.76 0.71
C SER B 4 -18.64 -14.29 0.33
N THR B 5 -18.41 -13.45 1.33
CA THR B 5 -18.21 -12.02 1.10
C THR B 5 -16.73 -11.70 0.92
N LEU B 6 -16.43 -10.44 0.61
CA LEU B 6 -15.05 -10.01 0.51
C LEU B 6 -14.40 -10.04 1.89
N LEU B 7 -15.16 -9.62 2.90
CA LEU B 7 -14.62 -9.50 4.25
C LEU B 7 -14.27 -10.86 4.84
N GLU B 8 -15.01 -11.89 4.44
CA GLU B 8 -14.71 -13.25 4.87
C GLU B 8 -13.40 -13.74 4.24
N ASN B 9 -13.21 -13.40 2.97
CA ASN B 9 -12.01 -13.79 2.24
C ASN B 9 -10.77 -13.07 2.76
N ILE B 10 -10.92 -11.80 3.11
CA ILE B 10 -9.83 -11.03 3.68
C ILE B 10 -9.40 -11.66 5.00
N PHE B 11 -10.36 -11.99 5.85
CA PHE B 11 -10.06 -12.58 7.14
C PHE B 11 -9.51 -14.00 7.00
N ALA B 12 -9.94 -14.71 5.96
CA ALA B 12 -9.40 -16.04 5.68
C ALA B 12 -7.90 -15.94 5.38
N ILE B 13 -7.53 -14.94 4.60
CA ILE B 13 -6.13 -14.71 4.26
C ILE B 13 -5.34 -14.32 5.51
N ILE B 14 -5.96 -13.52 6.37
CA ILE B 14 -5.32 -13.10 7.62
C ILE B 14 -5.08 -14.30 8.53
N ASN B 15 -6.11 -15.12 8.71
CA ASN B 15 -6.02 -16.28 9.60
C ASN B 15 -5.14 -17.38 9.04
N LEU B 16 -5.00 -17.41 7.72
CA LEU B 16 -4.08 -18.35 7.07
C LEU B 16 -2.65 -18.01 7.43
N PHE B 17 -2.32 -16.72 7.41
CA PHE B 17 -0.98 -16.27 7.74
C PHE B 17 -0.68 -16.55 9.22
N LYS B 18 -1.69 -16.35 10.06
CA LYS B 18 -1.51 -16.49 11.50
C LYS B 18 -1.26 -17.93 11.91
N GLN B 19 -2.00 -18.87 11.33
CA GLN B 19 -1.93 -20.27 11.75
C GLN B 19 -0.53 -20.85 11.53
N TYR B 20 0.22 -20.26 10.60
CA TYR B 20 1.57 -20.71 10.30
C TYR B 20 2.63 -19.85 10.97
N SER B 21 2.32 -18.57 11.19
CA SER B 21 3.30 -17.64 11.73
C SER B 21 3.51 -17.84 13.23
N LYS B 22 2.52 -18.42 13.91
CA LYS B 22 2.56 -18.55 15.36
C LYS B 22 3.08 -19.91 15.84
N LYS B 23 3.68 -20.67 14.94
CA LYS B 23 4.19 -22.00 15.29
C LYS B 23 5.51 -21.93 16.06
N ASP B 24 6.08 -20.73 16.15
CA ASP B 24 7.24 -20.49 17.00
C ASP B 24 6.98 -19.26 17.87
N LYS B 25 8.03 -18.67 18.44
CA LYS B 25 7.88 -17.56 19.37
C LYS B 25 7.78 -16.21 18.67
N ASN B 26 7.99 -16.20 17.36
CA ASN B 26 7.78 -15.00 16.55
C ASN B 26 6.40 -15.06 15.89
N THR B 27 5.39 -14.62 16.62
CA THR B 27 4.00 -14.76 16.21
C THR B 27 3.64 -13.98 14.95
N ASP B 28 4.28 -12.83 14.76
CA ASP B 28 3.88 -11.90 13.71
C ASP B 28 4.65 -12.07 12.40
N THR B 29 5.45 -13.13 12.29
CA THR B 29 6.21 -13.37 11.07
C THR B 29 6.32 -14.86 10.75
N LEU B 30 6.67 -15.16 9.49
CA LEU B 30 6.85 -16.52 9.03
C LEU B 30 8.33 -16.84 8.91
N SER B 31 8.77 -17.88 9.62
CA SER B 31 10.15 -18.36 9.49
C SER B 31 10.30 -19.09 8.17
N LYS B 32 11.50 -19.56 7.89
CA LYS B 32 11.76 -20.34 6.68
C LYS B 32 10.99 -21.65 6.73
N LYS B 33 10.98 -22.29 7.89
CA LYS B 33 10.26 -23.54 8.08
C LYS B 33 8.75 -23.32 7.97
N GLU B 34 8.25 -22.30 8.67
CA GLU B 34 6.83 -21.99 8.65
C GLU B 34 6.37 -21.62 7.25
N LEU B 35 7.20 -20.86 6.54
CA LEU B 35 6.89 -20.46 5.18
C LEU B 35 6.84 -21.67 4.25
N LYS B 36 7.81 -22.58 4.42
CA LYS B 36 7.89 -23.76 3.58
C LYS B 36 6.60 -24.58 3.66
N GLU B 37 6.06 -24.70 4.87
CA GLU B 37 4.85 -25.51 5.08
C GLU B 37 3.65 -24.84 4.43
N LEU B 38 3.59 -23.52 4.51
CA LEU B 38 2.51 -22.76 3.89
C LEU B 38 2.49 -22.98 2.37
N LEU B 39 3.66 -22.83 1.76
CA LEU B 39 3.78 -22.96 0.31
C LEU B 39 3.47 -24.39 -0.14
N GLU B 40 3.83 -25.36 0.68
CA GLU B 40 3.60 -26.76 0.34
C GLU B 40 2.11 -27.09 0.40
N LYS B 41 1.44 -26.58 1.42
CA LYS B 41 0.02 -26.83 1.60
C LYS B 41 -0.84 -26.04 0.62
N GLU B 42 -0.53 -24.76 0.46
CA GLU B 42 -1.36 -23.88 -0.35
C GLU B 42 -1.06 -24.00 -1.85
N PHE B 43 0.19 -24.29 -2.20
CA PHE B 43 0.58 -24.46 -3.60
C PHE B 43 1.17 -25.84 -3.78
N ARG B 44 0.34 -26.77 -4.25
CA ARG B 44 0.67 -28.17 -4.21
C ARG B 44 1.28 -28.70 -5.50
N GLN B 45 2.52 -29.19 -5.38
CA GLN B 45 3.21 -29.83 -6.49
C GLN B 45 2.81 -31.31 -6.54
N ILE B 46 1.79 -31.61 -7.34
CA ILE B 46 1.25 -32.97 -7.43
C ILE B 46 2.30 -33.98 -7.84
N LEU B 47 3.14 -33.60 -8.80
CA LEU B 47 4.15 -34.51 -9.30
C LEU B 47 5.20 -34.71 -8.21
N LYS B 48 5.04 -35.76 -7.43
CA LYS B 48 5.98 -36.03 -6.34
C LYS B 48 7.36 -36.43 -6.88
N ASN B 49 7.98 -35.49 -7.60
CA ASN B 49 9.28 -35.67 -8.23
C ASN B 49 10.19 -34.52 -7.83
N PRO B 50 11.14 -34.80 -6.93
CA PRO B 50 12.07 -33.73 -6.55
C PRO B 50 13.44 -33.83 -7.20
N ASP B 51 13.61 -33.14 -8.30
CA ASP B 51 14.92 -32.57 -8.57
C ASP B 51 14.97 -31.40 -7.57
N ASP B 52 15.88 -31.46 -6.60
CA ASP B 52 15.82 -30.67 -5.36
C ASP B 52 14.98 -29.38 -5.49
N PRO B 53 13.72 -29.41 -5.00
CA PRO B 53 12.82 -28.26 -5.13
C PRO B 53 12.96 -27.27 -3.97
N ASP B 54 13.50 -26.09 -4.24
CA ASP B 54 13.67 -25.06 -3.22
C ASP B 54 12.71 -23.89 -3.49
N MET B 55 11.43 -24.14 -3.24
CA MET B 55 10.41 -23.12 -3.40
C MET B 55 10.59 -22.05 -2.32
N VAL B 56 11.12 -22.45 -1.17
CA VAL B 56 11.19 -21.53 -0.03
C VAL B 56 12.34 -20.52 -0.20
N ASP B 57 13.48 -20.99 -0.68
CA ASP B 57 14.66 -20.13 -0.80
C ASP B 57 14.49 -19.06 -1.87
N VAL B 58 13.95 -19.45 -3.01
CA VAL B 58 13.70 -18.51 -4.10
C VAL B 58 12.62 -17.51 -3.70
N PHE B 59 11.62 -17.97 -2.96
CA PHE B 59 10.56 -17.10 -2.47
C PHE B 59 11.13 -16.15 -1.41
N MET B 60 12.00 -16.68 -0.57
CA MET B 60 12.58 -15.89 0.53
C MET B 60 13.29 -14.66 -0.02
N ASP B 61 14.05 -14.85 -1.10
CA ASP B 61 14.79 -13.76 -1.71
C ASP B 61 13.86 -12.71 -2.28
N HIS B 62 12.74 -13.16 -2.85
CA HIS B 62 11.78 -12.26 -3.48
C HIS B 62 10.91 -11.53 -2.47
N LEU B 63 10.53 -12.22 -1.40
CA LEU B 63 9.55 -11.69 -0.45
C LEU B 63 10.19 -10.96 0.73
N ASP B 64 11.36 -11.44 1.17
CA ASP B 64 12.04 -10.86 2.32
C ASP B 64 12.77 -9.57 1.94
N ILE B 65 12.02 -8.47 1.89
CA ILE B 65 12.54 -7.19 1.45
C ILE B 65 13.66 -6.66 2.33
N ASP B 66 13.42 -6.63 3.64
CA ASP B 66 14.37 -6.07 4.59
C ASP B 66 15.50 -7.04 4.95
N HIS B 67 15.48 -8.23 4.36
CA HIS B 67 16.53 -9.22 4.55
C HIS B 67 16.68 -9.69 6.00
N ASN B 68 15.62 -9.57 6.79
CA ASN B 68 15.65 -10.02 8.17
C ASN B 68 15.32 -11.50 8.29
N LYS B 69 15.30 -12.19 7.15
CA LYS B 69 15.09 -13.64 7.09
C LYS B 69 13.77 -14.05 7.74
N LYS B 70 12.80 -13.14 7.72
CA LYS B 70 11.44 -13.43 8.17
C LYS B 70 10.46 -12.76 7.21
N ILE B 71 9.27 -13.34 7.05
CA ILE B 71 8.24 -12.76 6.21
C ILE B 71 7.11 -12.20 7.06
N ASP B 72 7.01 -10.87 7.12
CA ASP B 72 5.92 -10.24 7.83
C ASP B 72 4.67 -10.27 6.96
N PHE B 73 3.56 -9.77 7.50
CA PHE B 73 2.28 -9.84 6.80
C PHE B 73 2.29 -9.02 5.52
N THR B 74 2.87 -7.83 5.57
CA THR B 74 2.90 -6.95 4.40
C THR B 74 3.71 -7.60 3.27
N GLU B 75 4.83 -8.23 3.64
CA GLU B 75 5.65 -8.97 2.69
C GLU B 75 4.89 -10.15 2.11
N PHE B 76 4.08 -10.79 2.96
CA PHE B 76 3.25 -11.91 2.55
C PHE B 76 2.17 -11.44 1.58
N LEU B 77 1.54 -10.31 1.89
CA LEU B 77 0.46 -9.78 1.06
C LEU B 77 0.96 -9.43 -0.34
N LEU B 78 2.26 -9.17 -0.46
CA LEU B 78 2.84 -8.89 -1.77
C LEU B 78 2.70 -10.12 -2.66
N MET B 79 2.93 -11.29 -2.07
CA MET B 79 2.76 -12.55 -2.77
C MET B 79 1.31 -12.69 -3.21
N VAL B 80 0.40 -12.48 -2.29
CA VAL B 80 -1.03 -12.65 -2.55
C VAL B 80 -1.47 -11.67 -3.63
N PHE B 81 -0.93 -10.46 -3.59
CA PHE B 81 -1.23 -9.44 -4.58
C PHE B 81 -0.83 -9.89 -5.98
N LYS B 82 0.38 -10.41 -6.10
CA LYS B 82 0.88 -10.90 -7.39
C LYS B 82 0.04 -12.03 -7.96
N LEU B 83 -0.36 -12.96 -7.09
CA LEU B 83 -1.17 -14.10 -7.52
C LEU B 83 -2.52 -13.65 -8.05
N ALA B 84 -3.13 -12.70 -7.34
CA ALA B 84 -4.43 -12.17 -7.74
C ALA B 84 -4.35 -11.56 -9.14
N GLN B 85 -3.32 -10.78 -9.39
CA GLN B 85 -3.13 -10.15 -10.69
C GLN B 85 -2.96 -11.18 -11.79
N ALA B 86 -2.14 -12.19 -11.53
CA ALA B 86 -1.85 -13.22 -12.52
C ALA B 86 -3.11 -13.99 -12.90
N TYR B 87 -3.84 -14.47 -11.90
CA TYR B 87 -5.02 -15.29 -12.15
C TYR B 87 -6.20 -14.47 -12.64
N TYR B 88 -6.10 -13.15 -12.58
CA TYR B 88 -7.12 -12.29 -13.17
C TYR B 88 -7.02 -12.36 -14.69
N GLU B 89 -5.84 -12.70 -15.18
CA GLU B 89 -5.63 -12.84 -16.62
C GLU B 89 -6.06 -14.22 -17.09
N SER B 90 -5.96 -15.20 -16.19
CA SER B 90 -6.36 -16.57 -16.51
C SER B 90 -7.87 -16.72 -16.51
N THR B 91 -8.47 -16.58 -15.33
CA THR B 91 -9.93 -16.63 -15.17
C THR B 91 -10.52 -17.90 -15.78
N SER C 4 12.49 21.08 8.71
CA SER C 4 11.72 21.06 7.43
C SER C 4 10.21 20.97 7.68
N THR C 5 9.45 21.38 6.68
CA THR C 5 8.00 21.24 6.69
C THR C 5 7.60 20.03 5.85
N LEU C 6 6.34 19.64 5.94
CA LEU C 6 5.85 18.48 5.19
C LEU C 6 5.95 18.73 3.69
N LEU C 7 5.63 19.94 3.27
CA LEU C 7 5.65 20.30 1.85
C LEU C 7 7.07 20.23 1.27
N GLU C 8 8.06 20.65 2.06
CA GLU C 8 9.45 20.57 1.64
C GLU C 8 9.87 19.13 1.37
N ASN C 9 9.45 18.23 2.26
CA ASN C 9 9.75 16.81 2.10
C ASN C 9 9.12 16.27 0.82
N ILE C 10 7.90 16.70 0.55
CA ILE C 10 7.18 16.27 -0.64
C ILE C 10 7.87 16.78 -1.91
N PHE C 11 8.19 18.07 -1.94
CA PHE C 11 8.88 18.65 -3.08
C PHE C 11 10.20 17.95 -3.31
N ALA C 12 10.88 17.60 -2.22
CA ALA C 12 12.18 16.92 -2.30
C ALA C 12 12.05 15.54 -2.91
N ILE C 13 10.99 14.82 -2.53
CA ILE C 13 10.74 13.49 -3.04
C ILE C 13 10.40 13.55 -4.54
N ILE C 14 9.61 14.56 -4.91
CA ILE C 14 9.23 14.75 -6.31
C ILE C 14 10.45 15.05 -7.17
N ASN C 15 11.29 15.96 -6.71
CA ASN C 15 12.48 16.36 -7.46
C ASN C 15 13.52 15.25 -7.50
N LEU C 16 13.58 14.44 -6.44
CA LEU C 16 14.51 13.32 -6.40
C LEU C 16 14.15 12.32 -7.50
N PHE C 17 12.86 11.99 -7.58
CA PHE C 17 12.37 11.07 -8.60
C PHE C 17 12.64 11.60 -10.00
N LYS C 18 12.32 12.86 -10.22
CA LYS C 18 12.51 13.49 -11.52
C LYS C 18 13.97 13.47 -11.96
N GLN C 19 14.88 13.55 -10.98
CA GLN C 19 16.31 13.57 -11.28
C GLN C 19 16.78 12.22 -11.82
N TYR C 20 16.30 11.14 -11.22
CA TYR C 20 16.69 9.79 -11.64
C TYR C 20 15.99 9.36 -12.94
N SER C 21 14.80 9.89 -13.15
CA SER C 21 13.96 9.43 -14.25
C SER C 21 14.24 10.13 -15.58
N LYS C 22 15.21 11.05 -15.60
CA LYS C 22 15.54 11.79 -16.83
C LYS C 22 16.93 11.44 -17.37
N LYS C 23 17.38 10.21 -17.14
CA LYS C 23 18.57 9.72 -17.82
C LYS C 23 18.24 9.54 -19.31
N ASP C 24 17.09 8.92 -19.57
CA ASP C 24 16.58 8.78 -20.94
C ASP C 24 15.56 9.88 -21.22
N LYS C 25 14.88 9.79 -22.36
CA LYS C 25 13.94 10.84 -22.77
C LYS C 25 12.53 10.62 -22.22
N ASN C 26 12.30 9.47 -21.59
CA ASN C 26 11.05 9.22 -20.88
C ASN C 26 11.17 9.78 -19.47
N THR C 27 10.89 11.08 -19.33
CA THR C 27 11.26 11.81 -18.13
C THR C 27 10.28 11.65 -16.97
N ASP C 28 9.12 11.06 -17.22
CA ASP C 28 8.10 10.91 -16.18
C ASP C 28 8.09 9.51 -15.56
N THR C 29 9.01 8.65 -15.99
CA THR C 29 9.09 7.29 -15.46
C THR C 29 10.54 6.82 -15.31
N LEU C 30 10.73 5.78 -14.51
CA LEU C 30 12.04 5.16 -14.35
C LEU C 30 12.16 3.93 -15.24
N SER C 31 13.26 3.84 -15.96
CA SER C 31 13.63 2.62 -16.66
C SER C 31 14.26 1.68 -15.63
N LYS C 32 14.57 0.46 -16.05
CA LYS C 32 15.24 -0.48 -15.17
C LYS C 32 16.63 0.01 -14.81
N LYS C 33 17.29 0.67 -15.76
CA LYS C 33 18.62 1.22 -15.54
C LYS C 33 18.56 2.42 -14.58
N GLU C 34 17.52 3.23 -14.74
CA GLU C 34 17.32 4.37 -13.86
C GLU C 34 16.91 3.92 -12.47
N LEU C 35 16.09 2.87 -12.39
CA LEU C 35 15.69 2.31 -11.11
C LEU C 35 16.90 1.73 -10.37
N LYS C 36 17.77 1.05 -11.11
CA LYS C 36 19.00 0.50 -10.55
C LYS C 36 19.80 1.59 -9.85
N GLU C 37 20.06 2.67 -10.57
CA GLU C 37 20.84 3.78 -10.04
C GLU C 37 20.21 4.38 -8.80
N LEU C 38 18.88 4.39 -8.75
CA LEU C 38 18.17 4.93 -7.60
C LEU C 38 18.35 4.04 -6.38
N LEU C 39 18.20 2.73 -6.58
CA LEU C 39 18.37 1.77 -5.50
C LEU C 39 19.80 1.82 -4.97
N GLU C 40 20.77 1.85 -5.88
CA GLU C 40 22.18 1.88 -5.51
C GLU C 40 22.53 3.11 -4.68
N LYS C 41 22.03 4.27 -5.10
CA LYS C 41 22.34 5.52 -4.43
C LYS C 41 21.57 5.67 -3.12
N GLU C 42 20.25 5.62 -3.21
CA GLU C 42 19.39 6.00 -2.08
C GLU C 42 19.32 4.94 -0.97
N PHE C 43 19.52 3.68 -1.32
CA PHE C 43 19.44 2.59 -0.36
C PHE C 43 20.80 1.89 -0.19
N ARG C 44 21.88 2.65 -0.35
CA ARG C 44 23.22 2.08 -0.27
C ARG C 44 23.57 1.62 1.14
N GLN C 45 23.11 2.38 2.13
CA GLN C 45 23.47 2.10 3.52
C GLN C 45 22.61 1.02 4.16
N ILE C 46 21.42 0.77 3.61
CA ILE C 46 20.44 -0.07 4.27
C ILE C 46 20.29 -1.46 3.64
N LEU C 47 20.94 -1.68 2.51
CA LEU C 47 20.86 -2.97 1.83
C LEU C 47 22.13 -3.80 2.06
N LYS C 48 21.92 -5.06 2.42
CA LYS C 48 23.01 -5.96 2.76
C LYS C 48 23.94 -6.24 1.58
N ASN C 49 23.36 -6.37 0.39
CA ASN C 49 24.12 -6.77 -0.79
C ASN C 49 23.93 -5.81 -1.97
N PRO C 50 24.64 -4.66 -1.93
CA PRO C 50 24.70 -3.76 -3.08
C PRO C 50 25.40 -4.41 -4.27
N ASP C 51 25.34 -3.77 -5.44
CA ASP C 51 25.93 -4.31 -6.66
C ASP C 51 25.39 -5.72 -6.95
N ASP C 52 24.09 -5.82 -7.17
CA ASP C 52 23.43 -7.10 -7.44
C ASP C 52 22.30 -6.93 -8.46
N PRO C 53 22.62 -7.07 -9.76
CA PRO C 53 21.63 -6.97 -10.84
C PRO C 53 20.34 -7.76 -10.61
N ASP C 54 20.43 -8.92 -9.95
CA ASP C 54 19.23 -9.72 -9.68
C ASP C 54 18.24 -8.96 -8.82
N MET C 55 18.75 -8.17 -7.87
CA MET C 55 17.90 -7.35 -7.02
C MET C 55 17.09 -6.38 -7.86
N VAL C 56 17.70 -5.85 -8.90
CA VAL C 56 17.08 -4.84 -9.73
C VAL C 56 15.85 -5.41 -10.42
N ASP C 57 15.99 -6.60 -10.98
CA ASP C 57 14.91 -7.25 -11.71
C ASP C 57 13.73 -7.53 -10.78
N VAL C 58 14.02 -7.98 -9.57
CA VAL C 58 13.00 -8.27 -8.58
C VAL C 58 12.19 -7.01 -8.24
N PHE C 59 12.90 -5.93 -7.90
CA PHE C 59 12.26 -4.69 -7.51
C PHE C 59 11.46 -4.08 -8.64
N MET C 60 11.95 -4.23 -9.87
CA MET C 60 11.24 -3.73 -11.04
C MET C 60 9.88 -4.41 -11.13
N ASP C 61 9.86 -5.72 -10.88
CA ASP C 61 8.62 -6.48 -10.96
C ASP C 61 7.71 -6.14 -9.78
N HIS C 62 8.32 -5.83 -8.64
CA HIS C 62 7.58 -5.46 -7.44
C HIS C 62 6.81 -4.14 -7.63
N LEU C 63 7.47 -3.16 -8.24
CA LEU C 63 6.90 -1.81 -8.36
C LEU C 63 6.07 -1.62 -9.63
N ASP C 64 6.45 -2.31 -10.70
CA ASP C 64 5.76 -2.18 -11.98
C ASP C 64 4.45 -2.99 -11.98
N ILE C 65 3.47 -2.49 -11.23
CA ILE C 65 2.24 -3.23 -10.99
C ILE C 65 1.24 -3.19 -12.15
N ASP C 66 1.51 -2.37 -13.17
CA ASP C 66 0.73 -2.40 -14.40
C ASP C 66 1.53 -3.05 -15.54
N HIS C 67 2.72 -3.56 -15.20
CA HIS C 67 3.53 -4.37 -16.10
C HIS C 67 3.79 -3.71 -17.46
N ASN C 68 4.23 -2.46 -17.44
CA ASN C 68 4.59 -1.77 -18.69
C ASN C 68 6.09 -1.45 -18.75
N LYS C 69 6.88 -2.12 -17.91
CA LYS C 69 8.33 -2.00 -17.93
C LYS C 69 8.81 -0.59 -17.62
N LYS C 70 7.98 0.17 -16.89
CA LYS C 70 8.34 1.50 -16.44
C LYS C 70 7.78 1.76 -15.06
N ILE C 71 8.48 2.57 -14.27
CA ILE C 71 7.99 2.97 -12.96
C ILE C 71 7.58 4.43 -12.98
N ASP C 72 6.27 4.68 -13.05
CA ASP C 72 5.77 6.04 -12.98
C ASP C 72 5.84 6.53 -11.55
N PHE C 73 5.57 7.82 -11.34
CA PHE C 73 5.72 8.42 -10.03
C PHE C 73 4.78 7.79 -9.02
N THR C 74 3.60 7.40 -9.48
CA THR C 74 2.60 6.78 -8.60
C THR C 74 3.10 5.45 -8.04
N GLU C 75 3.71 4.64 -8.90
CA GLU C 75 4.26 3.36 -8.47
C GLU C 75 5.46 3.56 -7.56
N PHE C 76 6.24 4.59 -7.83
CA PHE C 76 7.39 4.94 -6.99
C PHE C 76 6.92 5.29 -5.57
N LEU C 77 5.82 6.03 -5.47
CA LEU C 77 5.30 6.45 -4.17
C LEU C 77 4.81 5.26 -3.33
N LEU C 78 4.29 4.23 -3.98
CA LEU C 78 3.83 3.05 -3.27
C LEU C 78 4.97 2.38 -2.52
N MET C 79 6.15 2.35 -3.14
CA MET C 79 7.34 1.83 -2.48
C MET C 79 7.75 2.72 -1.30
N VAL C 80 7.82 4.02 -1.54
CA VAL C 80 8.26 4.98 -0.54
C VAL C 80 7.41 4.89 0.73
N PHE C 81 6.09 4.84 0.56
CA PHE C 81 5.18 4.87 1.70
C PHE C 81 5.15 3.53 2.43
N LYS C 82 5.39 2.44 1.70
CA LYS C 82 5.57 1.13 2.32
C LYS C 82 6.81 1.16 3.20
N LEU C 83 7.88 1.70 2.64
CA LEU C 83 9.14 1.81 3.37
C LEU C 83 8.93 2.70 4.59
N ALA C 84 8.11 3.72 4.44
CA ALA C 84 7.80 4.62 5.55
C ALA C 84 7.03 3.88 6.64
N GLN C 85 6.07 3.05 6.23
CA GLN C 85 5.32 2.20 7.14
C GLN C 85 6.23 1.25 7.91
N ALA C 86 7.16 0.64 7.19
CA ALA C 86 8.09 -0.32 7.79
C ALA C 86 8.96 0.36 8.85
N TYR C 87 9.50 1.52 8.52
CA TYR C 87 10.35 2.24 9.46
C TYR C 87 9.54 2.78 10.64
N TYR C 88 8.31 3.21 10.37
CA TYR C 88 7.43 3.69 11.43
C TYR C 88 7.10 2.55 12.37
N GLU C 89 6.80 1.39 11.81
CA GLU C 89 6.42 0.22 12.59
C GLU C 89 7.58 -0.26 13.46
N SER C 90 8.80 -0.11 12.95
CA SER C 90 9.98 -0.59 13.65
C SER C 90 10.45 0.39 14.72
N THR C 91 9.69 1.47 14.93
CA THR C 91 10.08 2.49 15.90
C THR C 91 8.91 2.94 16.78
N ARG C 92 7.81 2.17 16.78
CA ARG C 92 6.69 2.42 17.69
C ARG C 92 6.78 1.44 18.87
N LYS C 93 5.93 1.63 19.88
CA LYS C 93 6.08 0.89 21.14
C LYS C 93 5.28 -0.41 21.16
N GLU C 94 4.20 -0.48 20.38
CA GLU C 94 3.40 -1.70 20.28
C GLU C 94 3.94 -2.62 19.19
N SER D 4 19.60 16.53 0.10
CA SER D 4 18.55 15.74 0.80
C SER D 4 18.31 14.40 0.10
N THR D 5 18.44 13.31 0.86
CA THR D 5 18.24 11.97 0.33
C THR D 5 16.82 11.48 0.59
N LEU D 6 16.47 10.34 0.02
CA LEU D 6 15.13 9.79 0.14
C LEU D 6 14.81 9.35 1.57
N LEU D 7 15.78 8.71 2.22
CA LEU D 7 15.61 8.25 3.59
C LEU D 7 15.35 9.41 4.54
N GLU D 8 16.08 10.50 4.37
CA GLU D 8 15.94 11.66 5.22
C GLU D 8 14.51 12.21 5.13
N ASN D 9 13.98 12.27 3.90
CA ASN D 9 12.63 12.77 3.69
C ASN D 9 11.57 11.86 4.30
N ILE D 10 11.81 10.55 4.26
CA ILE D 10 10.87 9.59 4.80
C ILE D 10 10.78 9.71 6.32
N PHE D 11 11.92 9.77 6.98
CA PHE D 11 11.95 9.90 8.43
C PHE D 11 11.43 11.27 8.87
N ALA D 12 11.67 12.28 8.05
CA ALA D 12 11.13 13.61 8.31
C ALA D 12 9.62 13.53 8.39
N ILE D 13 9.01 12.78 7.48
CA ILE D 13 7.56 12.63 7.44
C ILE D 13 7.09 11.79 8.61
N ILE D 14 7.87 10.78 8.97
CA ILE D 14 7.57 9.97 10.15
C ILE D 14 7.59 10.82 11.41
N ASN D 15 8.70 11.53 11.62
CA ASN D 15 8.88 12.31 12.84
C ASN D 15 7.92 13.49 12.95
N LEU D 16 7.46 14.01 11.81
CA LEU D 16 6.43 15.03 11.81
C LEU D 16 5.17 14.49 12.46
N PHE D 17 4.70 13.36 11.93
CA PHE D 17 3.51 12.71 12.45
C PHE D 17 3.66 12.40 13.94
N LYS D 18 4.86 12.01 14.35
CA LYS D 18 5.13 11.63 15.72
C LYS D 18 5.02 12.82 16.69
N GLN D 19 5.50 13.97 16.26
CA GLN D 19 5.52 15.13 17.15
C GLN D 19 4.11 15.62 17.45
N TYR D 20 3.18 15.39 16.51
CA TYR D 20 1.79 15.80 16.69
C TYR D 20 0.98 14.72 17.40
N SER D 21 1.22 13.46 17.05
CA SER D 21 0.45 12.36 17.61
C SER D 21 0.75 12.15 19.09
N LYS D 22 1.98 12.48 19.50
CA LYS D 22 2.43 12.21 20.85
C LYS D 22 1.98 13.25 21.87
N LYS D 23 1.21 14.25 21.42
CA LYS D 23 0.68 15.25 22.34
C LYS D 23 -0.38 14.61 23.23
N ASP D 24 -1.16 13.71 22.65
CA ASP D 24 -2.20 13.00 23.38
C ASP D 24 -1.64 11.81 24.14
N LYS D 25 -2.52 11.17 24.90
CA LYS D 25 -2.21 9.93 25.59
C LYS D 25 -2.13 8.78 24.57
N ASN D 26 -2.86 8.93 23.47
CA ASN D 26 -2.77 8.01 22.34
C ASN D 26 -1.64 8.45 21.41
N THR D 27 -0.46 7.89 21.64
CA THR D 27 0.74 8.36 20.96
C THR D 27 0.79 7.94 19.48
N ASP D 28 0.01 6.93 19.12
CA ASP D 28 0.09 6.32 17.79
C ASP D 28 -0.81 7.00 16.77
N THR D 29 -1.66 7.93 17.21
CA THR D 29 -2.65 8.54 16.33
C THR D 29 -2.80 10.05 16.52
N LEU D 30 -3.42 10.69 15.54
CA LEU D 30 -3.74 12.12 15.63
C LEU D 30 -5.20 12.30 16.02
N SER D 31 -5.43 13.07 17.07
CA SER D 31 -6.78 13.45 17.45
C SER D 31 -7.26 14.53 16.49
N LYS D 32 -8.51 14.96 16.64
CA LYS D 32 -9.03 16.03 15.82
C LYS D 32 -8.30 17.33 16.14
N LYS D 33 -7.94 17.49 17.40
CA LYS D 33 -7.20 18.67 17.85
C LYS D 33 -5.77 18.65 17.32
N GLU D 34 -5.14 17.48 17.38
CA GLU D 34 -3.77 17.33 16.91
C GLU D 34 -3.67 17.52 15.41
N LEU D 35 -4.64 16.95 14.68
CA LEU D 35 -4.72 17.11 13.24
C LEU D 35 -4.89 18.58 12.87
N LYS D 36 -5.72 19.28 13.64
CA LYS D 36 -6.03 20.67 13.38
C LYS D 36 -4.78 21.53 13.47
N GLU D 37 -3.94 21.24 14.47
CA GLU D 37 -2.70 21.98 14.65
C GLU D 37 -1.70 21.64 13.55
N LEU D 38 -1.73 20.40 13.07
CA LEU D 38 -0.83 19.96 12.01
C LEU D 38 -1.12 20.71 10.71
N LEU D 39 -2.39 20.69 10.31
CA LEU D 39 -2.81 21.33 9.07
C LEU D 39 -2.55 22.83 9.11
N GLU D 40 -2.71 23.44 10.29
CA GLU D 40 -2.49 24.88 10.42
C GLU D 40 -1.01 25.23 10.23
N LYS D 41 -0.13 24.47 10.88
CA LYS D 41 1.30 24.75 10.81
C LYS D 41 1.89 24.35 9.46
N GLU D 42 1.47 23.21 8.93
CA GLU D 42 2.04 22.70 7.69
C GLU D 42 1.42 23.34 6.45
N PHE D 43 0.17 23.78 6.58
CA PHE D 43 -0.51 24.47 5.48
C PHE D 43 -1.00 25.84 5.96
N ARG D 44 -0.09 26.81 5.96
CA ARG D 44 -0.39 28.15 6.44
C ARG D 44 -1.43 28.85 5.57
N GLN D 45 -2.36 29.53 6.23
CA GLN D 45 -3.42 30.27 5.54
C GLN D 45 -3.21 31.77 5.68
N ILE D 46 -2.63 32.38 4.65
CA ILE D 46 -2.45 33.82 4.62
C ILE D 46 -3.79 34.52 4.78
N LEU D 47 -4.82 33.95 4.17
CA LEU D 47 -6.19 34.33 4.48
C LEU D 47 -6.52 33.73 5.85
N LYS D 48 -6.19 34.48 6.90
CA LYS D 48 -6.34 33.96 8.26
C LYS D 48 -7.79 34.07 8.73
N ASN D 49 -8.68 34.47 7.81
CA ASN D 49 -10.11 34.47 8.06
C ASN D 49 -10.87 34.22 6.76
N PRO D 50 -10.79 32.98 6.22
CA PRO D 50 -11.39 32.65 4.93
C PRO D 50 -12.91 32.55 4.96
N ASP D 51 -13.48 32.39 6.16
CA ASP D 51 -14.92 32.19 6.31
C ASP D 51 -15.36 30.88 5.67
N ASP D 52 -14.39 29.99 5.43
CA ASP D 52 -14.67 28.72 4.78
C ASP D 52 -15.30 27.72 5.73
N PRO D 53 -15.93 26.67 5.19
CA PRO D 53 -16.34 25.54 6.03
C PRO D 53 -15.12 24.92 6.72
N ASP D 54 -15.29 24.41 7.93
CA ASP D 54 -14.15 23.97 8.74
C ASP D 54 -13.29 22.95 8.00
N MET D 55 -11.99 23.24 7.95
CA MET D 55 -11.04 22.41 7.24
C MET D 55 -10.79 21.09 7.96
N VAL D 56 -11.03 21.07 9.26
CA VAL D 56 -10.67 19.93 10.09
C VAL D 56 -11.68 18.78 9.92
N ASP D 57 -12.96 19.13 9.82
CA ASP D 57 -14.02 18.13 9.67
C ASP D 57 -13.92 17.43 8.32
N VAL D 58 -13.57 18.17 7.29
CA VAL D 58 -13.50 17.62 5.94
C VAL D 58 -12.41 16.56 5.83
N PHE D 59 -11.24 16.84 6.42
CA PHE D 59 -10.15 15.88 6.45
C PHE D 59 -10.56 14.60 7.19
N MET D 60 -11.23 14.77 8.32
CA MET D 60 -11.69 13.64 9.12
C MET D 60 -12.75 12.83 8.39
N ASP D 61 -13.63 13.52 7.67
CA ASP D 61 -14.66 12.84 6.89
C ASP D 61 -14.05 12.04 5.75
N HIS D 62 -12.85 12.44 5.33
CA HIS D 62 -12.19 11.84 4.18
C HIS D 62 -11.13 10.80 4.54
N LEU D 63 -10.29 11.14 5.51
CA LEU D 63 -9.09 10.35 5.80
C LEU D 63 -9.32 9.28 6.87
N ASP D 64 -10.29 9.50 7.75
CA ASP D 64 -10.60 8.53 8.78
C ASP D 64 -11.52 7.44 8.21
N ILE D 65 -10.89 6.41 7.65
CA ILE D 65 -11.63 5.36 6.95
C ILE D 65 -12.46 4.51 7.91
N ASP D 66 -11.84 4.09 9.01
CA ASP D 66 -12.51 3.21 9.98
C ASP D 66 -13.38 4.00 10.97
N HIS D 67 -13.43 5.31 10.78
CA HIS D 67 -14.32 6.19 11.55
C HIS D 67 -14.16 6.04 13.06
N ASN D 68 -12.94 5.83 13.52
CA ASN D 68 -12.66 5.81 14.96
C ASN D 68 -12.27 7.20 15.44
N LYS D 69 -12.53 8.20 14.60
CA LYS D 69 -12.33 9.60 14.94
C LYS D 69 -10.88 9.92 15.26
N LYS D 70 -9.96 9.10 14.73
CA LYS D 70 -8.53 9.33 14.91
C LYS D 70 -7.80 8.98 13.61
N ILE D 71 -6.64 9.60 13.41
CA ILE D 71 -5.86 9.40 12.19
C ILE D 71 -4.55 8.68 12.47
N ASP D 72 -4.49 7.40 12.11
CA ASP D 72 -3.26 6.63 12.26
C ASP D 72 -2.28 6.98 11.15
N PHE D 73 -1.11 6.36 11.16
CA PHE D 73 -0.04 6.74 10.23
C PHE D 73 -0.39 6.40 8.79
N THR D 74 -1.06 5.27 8.60
CA THR D 74 -1.43 4.82 7.26
C THR D 74 -2.42 5.78 6.60
N GLU D 75 -3.42 6.20 7.37
CA GLU D 75 -4.40 7.16 6.90
C GLU D 75 -3.75 8.51 6.61
N PHE D 76 -2.77 8.86 7.44
CA PHE D 76 -2.03 10.09 7.26
C PHE D 76 -1.23 10.06 5.95
N LEU D 77 -0.70 8.89 5.60
CA LEU D 77 0.12 8.76 4.42
C LEU D 77 -0.69 8.89 3.13
N LEU D 78 -1.99 8.68 3.21
CA LEU D 78 -2.87 8.88 2.07
C LEU D 78 -2.90 10.35 1.70
N MET D 79 -2.94 11.21 2.70
CA MET D 79 -2.88 12.64 2.49
C MET D 79 -1.56 13.00 1.83
N VAL D 80 -0.47 12.47 2.37
CA VAL D 80 0.85 12.76 1.85
C VAL D 80 0.95 12.27 0.41
N PHE D 81 0.34 11.12 0.14
CA PHE D 81 0.33 10.53 -1.19
C PHE D 81 -0.39 11.42 -2.20
N LYS D 82 -1.59 11.87 -1.84
CA LYS D 82 -2.37 12.74 -2.72
C LYS D 82 -1.68 14.07 -2.99
N LEU D 83 -0.99 14.60 -1.98
CA LEU D 83 -0.21 15.83 -2.15
C LEU D 83 0.92 15.64 -3.13
N ALA D 84 1.67 14.56 -2.97
CA ALA D 84 2.81 14.29 -3.84
C ALA D 84 2.36 14.19 -5.29
N GLN D 85 1.32 13.41 -5.53
CA GLN D 85 0.76 13.27 -6.88
C GLN D 85 0.32 14.61 -7.44
N ALA D 86 -0.37 15.39 -6.62
CA ALA D 86 -0.94 16.66 -7.04
C ALA D 86 0.13 17.67 -7.40
N TYR D 87 1.19 17.73 -6.59
CA TYR D 87 2.24 18.72 -6.80
C TYR D 87 3.31 18.24 -7.78
N TYR D 88 3.18 17.01 -8.27
CA TYR D 88 4.14 16.49 -9.24
C TYR D 88 3.99 17.21 -10.57
N GLU D 89 2.75 17.39 -11.02
CA GLU D 89 2.49 18.01 -12.30
C GLU D 89 2.74 19.51 -12.26
N SER D 90 2.65 20.10 -11.07
CA SER D 90 2.92 21.52 -10.88
C SER D 90 4.37 21.87 -11.19
N THR D 91 5.28 20.98 -10.81
CA THR D 91 6.70 21.19 -11.05
C THR D 91 7.00 21.23 -12.54
#